data_5GSB
#
_entry.id   5GSB
#
_cell.length_a   50.225
_cell.length_b   76.039
_cell.length_c   122.359
_cell.angle_alpha   90.00
_cell.angle_beta   90.00
_cell.angle_gamma   90.00
#
_symmetry.space_group_name_H-M   'P 21 21 21'
#
loop_
_entity.id
_entity.type
_entity.pdbx_description
1 polymer 'H-2 class I histocompatibility antigen, K-D alpha chain'
2 polymer Beta-2-microglobulin
3 polymer 'MERS-CoV peptide 37-3'
4 water water
#
loop_
_entity_poly.entity_id
_entity_poly.type
_entity_poly.pdbx_seq_one_letter_code
_entity_poly.pdbx_strand_id
1 'polypeptide(L)'
;GPHSLRYFVTAVSRPGLGEPRFIAVGYVDDTQFVRFDSDADNPRFEPRAPWMEQEGPEYWEEQTQRAKSDEQWFRVSLRT
AQRYYNQSKGGSHTFQRMFGCDVGSDWRLLRGYHQFAYDGRDYIALNEDLKTWTAADTAALITRRKWEQAGDAEYYRAYL
EGECVEWLRRYLELGNETLLRTDSPKAHVTYHPRSQVDVTLRCWALGFYPADITLTWQLNGEDLTQDMELVETRPAGDGT
FQKWAAVVVPLGKEQNYTCHVHHKGLPEPLTLRW
;
A
2 'polypeptide(L)'
;IQRTPKIQVYSRHPAENGKSNFLNCYVSGFHPSDIEVDLLKNGERIEKVEHSDLSFSKDWSFYLLYYTEFTPTEKDEYAC
RVNHVTLSQPKIVKWDRDM
;
B
3 'polypeptide(L)' KYYSIIPHSI C
#
# COMPACT_ATOMS: atom_id res chain seq x y z
N GLY A 1 -0.02 -22.47 -4.04
CA GLY A 1 -0.42 -21.35 -3.20
C GLY A 1 -1.35 -20.39 -3.94
N PRO A 2 -2.12 -19.59 -3.20
CA PRO A 2 -3.02 -18.59 -3.76
C PRO A 2 -2.30 -17.31 -4.20
N HIS A 3 -2.88 -16.58 -5.14
CA HIS A 3 -2.25 -15.37 -5.66
C HIS A 3 -3.26 -14.33 -6.06
N SER A 4 -2.81 -13.09 -6.17
CA SER A 4 -3.70 -11.98 -6.50
C SER A 4 -3.10 -11.07 -7.55
N LEU A 5 -3.97 -10.60 -8.43
CA LEU A 5 -3.68 -9.51 -9.34
C LEU A 5 -4.57 -8.32 -8.96
N ARG A 6 -3.97 -7.16 -8.71
CA ARG A 6 -4.75 -6.01 -8.26
C ARG A 6 -4.26 -4.73 -8.90
N TYR A 7 -5.20 -3.87 -9.27
CA TYR A 7 -4.86 -2.53 -9.70
C TYR A 7 -5.48 -1.51 -8.75
N PHE A 8 -4.72 -0.47 -8.44
CA PHE A 8 -5.16 0.62 -7.57
C PHE A 8 -5.07 1.93 -8.35
N VAL A 9 -6.22 2.53 -8.60
CA VAL A 9 -6.33 3.66 -9.50
C VAL A 9 -6.90 4.89 -8.78
N THR A 10 -6.20 6.01 -8.90
CA THR A 10 -6.54 7.22 -8.17
C THR A 10 -6.66 8.39 -9.12
N ALA A 11 -7.80 9.08 -9.09
CA ALA A 11 -7.90 10.37 -9.76
C ALA A 11 -8.18 11.50 -8.75
N VAL A 12 -7.56 12.66 -8.96
CA VAL A 12 -7.72 13.78 -8.03
C VAL A 12 -7.94 15.08 -8.81
N SER A 13 -9.09 15.71 -8.58
CA SER A 13 -9.35 16.98 -9.26
C SER A 13 -8.48 18.08 -8.64
N ARG A 14 -8.06 19.03 -9.47
CA ARG A 14 -7.29 20.15 -8.95
C ARG A 14 -7.76 21.41 -9.66
N PRO A 15 -8.93 21.90 -9.24
CA PRO A 15 -9.46 23.07 -9.95
C PRO A 15 -8.50 24.27 -9.84
N GLY A 16 -8.44 25.06 -10.89
CA GLY A 16 -7.54 26.18 -10.88
C GLY A 16 -6.07 25.81 -11.06
N LEU A 17 -5.76 24.51 -11.08
CA LEU A 17 -4.39 24.07 -11.37
C LEU A 17 -4.30 23.33 -12.69
N GLY A 18 -5.42 22.81 -13.16
CA GLY A 18 -5.50 22.19 -14.48
C GLY A 18 -6.25 20.87 -14.47
N GLU A 19 -5.85 19.92 -15.33
CA GLU A 19 -6.53 18.64 -15.42
C GLU A 19 -6.26 17.77 -14.19
N PRO A 20 -7.19 16.85 -13.88
CA PRO A 20 -6.99 15.97 -12.72
C PRO A 20 -5.73 15.13 -12.79
N ARG A 21 -5.19 14.83 -11.62
CA ARG A 21 -4.18 13.79 -11.49
C ARG A 21 -4.83 12.44 -11.76
N PHE A 22 -4.13 11.56 -12.47
CA PHE A 22 -4.57 10.19 -12.67
C PHE A 22 -3.37 9.26 -12.57
N ILE A 23 -3.42 8.32 -11.63
CA ILE A 23 -2.34 7.35 -11.50
C ILE A 23 -2.91 5.96 -11.26
N ALA A 24 -2.34 4.97 -11.96
CA ALA A 24 -2.73 3.58 -11.80
C ALA A 24 -1.50 2.76 -11.49
N VAL A 25 -1.59 1.88 -10.49
CA VAL A 25 -0.52 0.95 -10.19
C VAL A 25 -1.07 -0.47 -10.16
N GLY A 26 -0.29 -1.41 -10.65
CA GLY A 26 -0.68 -2.80 -10.64
C GLY A 26 0.24 -3.61 -9.76
N TYR A 27 -0.33 -4.57 -9.03
CA TYR A 27 0.42 -5.46 -8.14
C TYR A 27 0.10 -6.92 -8.45
N VAL A 28 1.13 -7.77 -8.38
CA VAL A 28 0.90 -9.21 -8.26
C VAL A 28 1.31 -9.57 -6.84
N ASP A 29 0.37 -10.09 -6.06
CA ASP A 29 0.55 -10.26 -4.63
C ASP A 29 1.05 -8.95 -4.02
N ASP A 30 2.17 -9.01 -3.30
CA ASP A 30 2.73 -7.81 -2.68
C ASP A 30 3.83 -7.15 -3.54
N THR A 31 3.90 -7.52 -4.81
CA THR A 31 4.94 -6.98 -5.69
C THR A 31 4.36 -6.07 -6.77
N GLN A 32 4.73 -4.79 -6.77
CA GLN A 32 4.25 -3.90 -7.82
C GLN A 32 4.93 -4.26 -9.13
N PHE A 33 4.20 -4.20 -10.26
CA PHE A 33 4.84 -4.58 -11.51
C PHE A 33 4.59 -3.63 -12.68
N VAL A 34 3.59 -2.75 -12.56
CA VAL A 34 3.36 -1.74 -13.58
C VAL A 34 2.85 -0.44 -12.97
N ARG A 35 2.92 0.63 -13.76
CA ARG A 35 2.29 1.90 -13.41
C ARG A 35 1.87 2.69 -14.66
N PHE A 36 0.90 3.59 -14.46
CA PHE A 36 0.61 4.67 -15.39
C PHE A 36 0.48 5.94 -14.57
N ASP A 37 1.22 6.97 -14.91
CA ASP A 37 1.27 8.19 -14.10
C ASP A 37 1.05 9.42 -15.00
N SER A 38 -0.10 10.09 -14.82
CA SER A 38 -0.41 11.29 -15.63
C SER A 38 0.62 12.41 -15.46
N ASP A 39 1.31 12.45 -14.34
CA ASP A 39 2.19 13.57 -14.08
C ASP A 39 3.65 13.26 -14.46
N ALA A 40 3.89 12.11 -15.07
CA ALA A 40 5.22 11.75 -15.57
C ALA A 40 5.62 12.57 -16.80
N ASP A 41 6.91 12.55 -17.12
CA ASP A 41 7.42 13.24 -18.30
C ASP A 41 6.72 12.80 -19.57
N ASN A 42 6.59 11.48 -19.73
CA ASN A 42 5.90 10.93 -20.88
C ASN A 42 4.93 9.86 -20.41
N PRO A 43 3.73 10.29 -19.98
CA PRO A 43 2.79 9.36 -19.38
C PRO A 43 2.49 8.16 -20.28
N ARG A 44 2.82 6.97 -19.76
CA ARG A 44 2.65 5.75 -20.50
C ARG A 44 2.59 4.58 -19.52
N PHE A 45 1.88 3.53 -19.91
CA PHE A 45 1.85 2.31 -19.11
C PHE A 45 3.25 1.73 -19.20
N GLU A 46 3.85 1.37 -18.07
CA GLU A 46 5.25 0.96 -18.10
C GLU A 46 5.63 0.03 -16.96
N PRO A 47 6.69 -0.79 -17.15
CA PRO A 47 7.09 -1.80 -16.17
C PRO A 47 7.64 -1.20 -14.89
N ARG A 48 7.34 -1.84 -13.76
CA ARG A 48 7.96 -1.46 -12.48
C ARG A 48 8.52 -2.69 -11.78
N ALA A 49 8.68 -3.77 -12.53
CA ALA A 49 9.42 -4.94 -12.07
C ALA A 49 10.28 -5.46 -13.22
N PRO A 50 11.49 -5.93 -12.91
CA PRO A 50 12.41 -6.27 -14.00
C PRO A 50 11.87 -7.39 -14.91
N TRP A 51 11.07 -8.29 -14.36
CA TRP A 51 10.52 -9.39 -15.15
C TRP A 51 9.36 -8.98 -16.06
N MET A 52 9.03 -7.70 -16.07
CA MET A 52 8.03 -7.20 -17.02
C MET A 52 8.66 -6.52 -18.23
N GLU A 53 9.99 -6.38 -18.23
CA GLU A 53 10.67 -5.59 -19.25
C GLU A 53 10.79 -6.28 -20.61
N GLN A 54 10.35 -7.54 -20.69
CA GLN A 54 10.47 -8.30 -21.93
C GLN A 54 9.18 -8.34 -22.73
N GLU A 55 8.08 -7.92 -22.12
CA GLU A 55 6.83 -7.77 -22.84
C GLU A 55 7.03 -6.76 -23.97
N GLY A 56 6.43 -7.05 -25.13
CA GLY A 56 6.63 -6.25 -26.32
C GLY A 56 5.83 -4.95 -26.35
N PRO A 57 6.06 -4.13 -27.37
CA PRO A 57 5.43 -2.81 -27.51
C PRO A 57 3.91 -2.88 -27.59
N GLU A 58 3.36 -3.96 -28.13
CA GLU A 58 1.91 -4.07 -28.27
C GLU A 58 1.26 -4.08 -26.88
N TYR A 59 1.93 -4.73 -25.92
CA TYR A 59 1.42 -4.79 -24.54
C TYR A 59 1.30 -3.39 -23.96
N TRP A 60 2.39 -2.62 -24.04
CA TRP A 60 2.42 -1.30 -23.46
C TRP A 60 1.50 -0.32 -24.19
N GLU A 61 1.42 -0.45 -25.51
CA GLU A 61 0.54 0.42 -26.27
C GLU A 61 -0.94 0.18 -25.95
N GLU A 62 -1.35 -1.09 -25.90
CA GLU A 62 -2.75 -1.38 -25.62
C GLU A 62 -3.11 -0.98 -24.19
N GLN A 63 -2.20 -1.25 -23.25
CA GLN A 63 -2.42 -0.89 -21.85
C GLN A 63 -2.46 0.63 -21.66
N THR A 64 -1.60 1.34 -22.37
CA THR A 64 -1.63 2.79 -22.34
C THR A 64 -2.96 3.34 -22.84
N GLN A 65 -3.49 2.78 -23.94
CA GLN A 65 -4.79 3.22 -24.44
C GLN A 65 -5.88 2.99 -23.38
N ARG A 66 -5.82 1.86 -22.72
CA ARG A 66 -6.85 1.54 -21.75
C ARG A 66 -6.77 2.48 -20.55
N ALA A 67 -5.56 2.81 -20.11
CA ALA A 67 -5.40 3.73 -19.00
C ALA A 67 -5.89 5.12 -19.39
N LYS A 68 -5.59 5.53 -20.61
CA LYS A 68 -6.02 6.85 -21.05
C LYS A 68 -7.54 6.93 -21.18
N SER A 69 -8.18 5.81 -21.54
CA SER A 69 -9.64 5.75 -21.55
C SER A 69 -10.19 5.99 -20.14
N ASP A 70 -9.63 5.29 -19.17
CA ASP A 70 -10.07 5.48 -17.78
C ASP A 70 -9.80 6.90 -17.29
N GLU A 71 -8.66 7.47 -17.67
CA GLU A 71 -8.37 8.85 -17.29
C GLU A 71 -9.53 9.76 -17.73
N GLN A 72 -10.00 9.57 -18.95
CA GLN A 72 -11.11 10.39 -19.44
C GLN A 72 -12.39 10.15 -18.62
N TRP A 73 -12.71 8.89 -18.32
CA TRP A 73 -13.96 8.63 -17.62
C TRP A 73 -13.89 8.99 -16.14
N PHE A 74 -12.70 8.97 -15.55
CA PHE A 74 -12.54 9.45 -14.18
C PHE A 74 -12.74 10.95 -14.13
N ARG A 75 -12.32 11.67 -15.17
CA ARG A 75 -12.58 13.12 -15.21
C ARG A 75 -14.08 13.35 -15.19
N VAL A 76 -14.79 12.62 -16.05
CA VAL A 76 -16.26 12.71 -16.13
C VAL A 76 -16.89 12.35 -14.78
N SER A 77 -16.42 11.27 -14.17
CA SER A 77 -16.97 10.78 -12.90
C SER A 77 -16.77 11.79 -11.77
N LEU A 78 -15.59 12.42 -11.73
CA LEU A 78 -15.37 13.48 -10.75
C LEU A 78 -16.38 14.60 -10.92
N ARG A 79 -16.63 15.04 -12.15
CA ARG A 79 -17.62 16.09 -12.36
C ARG A 79 -19.04 15.63 -11.98
N THR A 80 -19.37 14.39 -12.31
CA THR A 80 -20.69 13.85 -12.01
C THR A 80 -20.91 13.78 -10.50
N ALA A 81 -19.88 13.31 -9.77
CA ALA A 81 -20.00 13.20 -8.29
C ALA A 81 -20.18 14.58 -7.68
N GLN A 82 -19.45 15.56 -8.20
CA GLN A 82 -19.59 16.94 -7.73
C GLN A 82 -21.06 17.39 -7.89
N ARG A 83 -21.67 17.00 -9.00
CA ARG A 83 -23.06 17.35 -9.26
C ARG A 83 -24.00 16.54 -8.34
N TYR A 84 -23.74 15.24 -8.19
CA TYR A 84 -24.57 14.38 -7.32
C TYR A 84 -24.64 14.91 -5.90
N TYR A 85 -23.51 15.38 -5.40
CA TYR A 85 -23.43 15.83 -4.03
C TYR A 85 -23.58 17.33 -3.88
N ASN A 86 -23.83 18.01 -5.01
CA ASN A 86 -24.05 19.46 -5.06
C ASN A 86 -22.90 20.22 -4.38
N GLN A 87 -21.68 19.87 -4.77
CA GLN A 87 -20.48 20.45 -4.23
C GLN A 87 -19.98 21.62 -5.08
N SER A 88 -19.17 22.47 -4.44
CA SER A 88 -18.49 23.58 -5.10
C SER A 88 -17.56 23.08 -6.18
N LYS A 89 -17.41 23.85 -7.26
CA LYS A 89 -16.50 23.43 -8.32
C LYS A 89 -15.06 23.80 -7.97
N GLY A 90 -14.88 24.45 -6.82
CA GLY A 90 -13.58 24.97 -6.43
C GLY A 90 -12.70 24.02 -5.62
N GLY A 91 -13.31 22.99 -5.05
CA GLY A 91 -12.59 22.08 -4.17
C GLY A 91 -12.02 20.85 -4.85
N SER A 92 -10.97 20.29 -4.26
CA SER A 92 -10.35 19.07 -4.78
C SER A 92 -11.02 17.82 -4.22
N HIS A 93 -11.31 16.87 -5.10
CA HIS A 93 -11.97 15.63 -4.69
C HIS A 93 -11.25 14.43 -5.29
N THR A 94 -11.48 13.26 -4.72
CA THR A 94 -10.75 12.05 -5.05
C THR A 94 -11.72 10.97 -5.51
N PHE A 95 -11.34 10.27 -6.57
CA PHE A 95 -12.11 9.15 -7.04
C PHE A 95 -11.15 7.96 -7.21
N GLN A 96 -11.45 6.87 -6.53
CA GLN A 96 -10.57 5.71 -6.55
C GLN A 96 -11.28 4.47 -7.04
N ARG A 97 -10.51 3.62 -7.72
CA ARG A 97 -11.00 2.32 -8.19
C ARG A 97 -9.98 1.25 -7.82
N MET A 98 -10.45 0.12 -7.29
CA MET A 98 -9.61 -1.07 -7.13
C MET A 98 -10.29 -2.22 -7.86
N PHE A 99 -9.53 -2.97 -8.65
CA PHE A 99 -10.10 -4.14 -9.28
C PHE A 99 -9.07 -5.25 -9.44
N GLY A 100 -9.54 -6.45 -9.71
CA GLY A 100 -8.64 -7.55 -9.97
C GLY A 100 -9.17 -8.85 -9.40
N CYS A 101 -8.29 -9.82 -9.24
CA CYS A 101 -8.76 -11.17 -8.96
C CYS A 101 -7.85 -11.92 -8.00
N ASP A 102 -8.49 -12.70 -7.14
CA ASP A 102 -7.81 -13.66 -6.29
C ASP A 102 -8.04 -15.07 -6.85
N VAL A 103 -6.97 -15.86 -6.87
CA VAL A 103 -7.04 -17.22 -7.39
C VAL A 103 -6.47 -18.18 -6.35
N GLY A 104 -7.00 -19.40 -6.27
CA GLY A 104 -6.51 -20.40 -5.31
C GLY A 104 -5.43 -21.26 -5.93
N SER A 105 -4.93 -22.27 -5.21
CA SER A 105 -3.79 -23.08 -5.70
C SER A 105 -4.10 -23.75 -7.03
N ASP A 106 -5.37 -24.12 -7.20
CA ASP A 106 -5.85 -24.69 -8.46
C ASP A 106 -5.89 -23.63 -9.58
N TRP A 107 -5.54 -22.41 -9.22
CA TRP A 107 -5.65 -21.21 -10.09
C TRP A 107 -6.92 -21.05 -10.86
N ARG A 108 -8.00 -21.16 -10.10
CA ARG A 108 -9.29 -20.71 -10.54
C ARG A 108 -9.74 -19.60 -9.59
N LEU A 109 -10.76 -18.87 -10.00
CA LEU A 109 -11.18 -17.65 -9.31
C LEU A 109 -11.76 -17.88 -7.92
N LEU A 110 -11.17 -17.23 -6.92
CA LEU A 110 -11.71 -17.24 -5.56
C LEU A 110 -12.58 -16.01 -5.32
N ARG A 111 -12.20 -14.89 -5.95
CA ARG A 111 -12.90 -13.63 -5.77
C ARG A 111 -12.47 -12.59 -6.80
N GLY A 112 -13.45 -11.95 -7.42
CA GLY A 112 -13.19 -10.84 -8.33
C GLY A 112 -13.63 -9.54 -7.69
N TYR A 113 -12.93 -8.45 -8.01
CA TYR A 113 -13.20 -7.15 -7.41
C TYR A 113 -13.39 -6.08 -8.47
N HIS A 114 -14.39 -5.22 -8.25
CA HIS A 114 -14.51 -3.96 -8.98
C HIS A 114 -15.21 -3.01 -8.05
N GLN A 115 -14.46 -2.12 -7.43
CA GLN A 115 -15.07 -1.27 -6.42
C GLN A 115 -14.48 0.13 -6.48
N PHE A 116 -15.26 1.09 -5.99
CA PHE A 116 -14.98 2.51 -6.17
C PHE A 116 -15.19 3.26 -4.88
N ALA A 117 -14.40 4.31 -4.69
CA ALA A 117 -14.55 5.21 -3.55
C ALA A 117 -14.56 6.66 -4.00
N TYR A 118 -15.37 7.46 -3.32
CA TYR A 118 -15.34 8.90 -3.55
C TYR A 118 -14.91 9.60 -2.27
N ASP A 119 -13.89 10.46 -2.41
CA ASP A 119 -13.24 11.12 -1.28
C ASP A 119 -12.90 10.15 -0.16
N GLY A 120 -12.37 8.98 -0.53
CA GLY A 120 -11.83 8.05 0.43
C GLY A 120 -12.84 7.18 1.15
N ARG A 121 -14.11 7.26 0.73
CA ARG A 121 -15.18 6.46 1.33
C ARG A 121 -15.81 5.53 0.32
N ASP A 122 -16.19 4.32 0.75
CA ASP A 122 -16.96 3.44 -0.14
C ASP A 122 -18.01 4.21 -0.94
N TYR A 123 -18.04 3.97 -2.23
CA TYR A 123 -19.08 4.49 -3.10
C TYR A 123 -19.94 3.34 -3.69
N ILE A 124 -19.33 2.49 -4.50
CA ILE A 124 -20.08 1.34 -5.04
C ILE A 124 -19.12 0.18 -5.27
N ALA A 125 -19.57 -1.03 -4.94
CA ALA A 125 -18.71 -2.21 -5.06
C ALA A 125 -19.45 -3.37 -5.71
N LEU A 126 -18.79 -4.08 -6.62
CA LEU A 126 -19.34 -5.32 -7.16
C LEU A 126 -19.27 -6.41 -6.10
N ASN A 127 -20.39 -7.07 -5.83
CA ASN A 127 -20.43 -8.09 -4.80
C ASN A 127 -19.73 -9.38 -5.23
N GLU A 128 -19.45 -10.24 -4.25
CA GLU A 128 -18.73 -11.49 -4.48
C GLU A 128 -19.39 -12.36 -5.56
N ASP A 129 -20.71 -12.22 -5.74
CA ASP A 129 -21.43 -13.00 -6.74
C ASP A 129 -21.15 -12.52 -8.18
N LEU A 130 -20.46 -11.39 -8.31
CA LEU A 130 -20.15 -10.77 -9.61
C LEU A 130 -21.41 -10.49 -10.42
N LYS A 131 -22.52 -10.32 -9.71
CA LYS A 131 -23.82 -10.09 -10.35
C LYS A 131 -24.49 -8.83 -9.83
N THR A 132 -24.33 -8.55 -8.55
CA THR A 132 -25.04 -7.41 -7.94
C THR A 132 -24.06 -6.42 -7.34
N TRP A 133 -24.59 -5.25 -6.97
CA TRP A 133 -23.78 -4.13 -6.47
C TRP A 133 -24.22 -3.66 -5.10
N THR A 134 -23.25 -3.25 -4.29
CA THR A 134 -23.52 -2.61 -3.02
C THR A 134 -23.23 -1.11 -3.14
N ALA A 135 -24.28 -0.31 -3.02
CA ALA A 135 -24.19 1.16 -3.06
C ALA A 135 -24.08 1.69 -1.65
N ALA A 136 -23.16 2.64 -1.45
CA ALA A 136 -22.86 3.11 -0.09
C ALA A 136 -23.80 4.23 0.37
N ASP A 137 -24.38 4.97 -0.56
CA ASP A 137 -25.37 6.00 -0.22
C ASP A 137 -26.40 6.19 -1.34
N THR A 138 -27.26 7.20 -1.24
CA THR A 138 -28.34 7.33 -2.22
C THR A 138 -27.84 7.90 -3.55
N ALA A 139 -26.70 8.59 -3.53
CA ALA A 139 -26.10 9.01 -4.78
C ALA A 139 -25.62 7.77 -5.52
N ALA A 140 -24.95 6.89 -4.81
CA ALA A 140 -24.47 5.64 -5.42
C ALA A 140 -25.60 4.71 -5.83
N LEU A 141 -26.77 4.81 -5.19
CA LEU A 141 -27.95 4.10 -5.65
C LEU A 141 -28.37 4.50 -7.07
N ILE A 142 -28.17 5.77 -7.42
CA ILE A 142 -28.40 6.24 -8.79
C ILE A 142 -27.46 5.52 -9.75
N THR A 143 -26.16 5.48 -9.39
CA THR A 143 -25.14 4.81 -10.18
C THR A 143 -25.49 3.32 -10.31
N ARG A 144 -25.92 2.73 -9.20
CA ARG A 144 -26.22 1.30 -9.20
C ARG A 144 -27.32 1.00 -10.23
N ARG A 145 -28.34 1.86 -10.27
CA ARG A 145 -29.45 1.61 -11.21
C ARG A 145 -28.99 1.73 -12.65
N LYS A 146 -28.18 2.76 -12.93
CA LYS A 146 -27.60 2.95 -14.26
C LYS A 146 -26.76 1.74 -14.66
N TRP A 147 -25.94 1.25 -13.74
CA TRP A 147 -25.02 0.17 -14.09
C TRP A 147 -25.72 -1.19 -14.16
N GLU A 148 -26.78 -1.36 -13.37
CA GLU A 148 -27.62 -2.55 -13.49
C GLU A 148 -28.30 -2.60 -14.87
N GLN A 149 -28.92 -1.49 -15.24
CA GLN A 149 -29.63 -1.45 -16.50
C GLN A 149 -28.68 -1.66 -17.67
N ALA A 150 -27.44 -1.21 -17.51
CA ALA A 150 -26.47 -1.28 -18.61
C ALA A 150 -25.83 -2.65 -18.75
N GLY A 151 -25.97 -3.49 -17.73
CA GLY A 151 -25.39 -4.82 -17.74
C GLY A 151 -23.89 -4.86 -17.45
N ASP A 152 -23.42 -3.88 -16.67
CA ASP A 152 -22.01 -3.77 -16.30
C ASP A 152 -21.45 -4.99 -15.57
N ALA A 153 -22.22 -5.59 -14.67
CA ALA A 153 -21.69 -6.72 -13.91
C ALA A 153 -21.27 -7.85 -14.86
N GLU A 154 -22.09 -8.14 -15.87
CA GLU A 154 -21.75 -9.18 -16.83
C GLU A 154 -20.45 -8.86 -17.59
N TYR A 155 -20.29 -7.59 -17.96
CA TYR A 155 -19.08 -7.11 -18.61
C TYR A 155 -17.84 -7.33 -17.74
N TYR A 156 -17.91 -6.91 -16.48
CA TYR A 156 -16.81 -7.10 -15.54
C TYR A 156 -16.56 -8.57 -15.20
N ARG A 157 -17.62 -9.33 -15.02
CA ARG A 157 -17.48 -10.75 -14.71
C ARG A 157 -16.68 -11.46 -15.81
N ALA A 158 -16.95 -11.12 -17.07
CA ALA A 158 -16.21 -11.71 -18.19
C ALA A 158 -14.71 -11.41 -18.10
N TYR A 159 -14.36 -10.21 -17.67
CA TYR A 159 -12.95 -9.87 -17.47
C TYR A 159 -12.35 -10.67 -16.31
N LEU A 160 -13.06 -10.65 -15.19
CA LEU A 160 -12.55 -11.22 -13.95
C LEU A 160 -12.34 -12.73 -14.05
N GLU A 161 -13.23 -13.40 -14.77
CA GLU A 161 -13.18 -14.85 -14.89
C GLU A 161 -12.22 -15.31 -15.99
N GLY A 162 -11.97 -14.45 -16.96
CA GLY A 162 -11.14 -14.85 -18.08
C GLY A 162 -9.79 -14.16 -18.08
N GLU A 163 -9.75 -13.00 -18.70
CA GLU A 163 -8.55 -12.18 -18.88
C GLU A 163 -7.73 -11.98 -17.61
N CYS A 164 -8.39 -11.57 -16.54
CA CYS A 164 -7.72 -11.31 -15.28
C CYS A 164 -6.94 -12.53 -14.79
N VAL A 165 -7.61 -13.69 -14.78
CA VAL A 165 -6.97 -14.92 -14.34
C VAL A 165 -5.86 -15.37 -15.29
N GLU A 166 -6.11 -15.27 -16.59
CA GLU A 166 -5.16 -15.74 -17.58
C GLU A 166 -3.88 -14.89 -17.61
N TRP A 167 -4.02 -13.59 -17.45
CA TRP A 167 -2.83 -12.74 -17.39
C TRP A 167 -2.10 -12.89 -16.06
N LEU A 168 -2.83 -13.14 -14.98
CA LEU A 168 -2.21 -13.42 -13.69
C LEU A 168 -1.28 -14.64 -13.80
N ARG A 169 -1.72 -15.68 -14.52
CA ARG A 169 -0.87 -16.86 -14.73
C ARG A 169 0.39 -16.50 -15.51
N ARG A 170 0.24 -15.66 -16.53
CA ARG A 170 1.40 -15.26 -17.32
C ARG A 170 2.39 -14.46 -16.45
N TYR A 171 1.86 -13.57 -15.61
CA TYR A 171 2.74 -12.78 -14.74
C TYR A 171 3.50 -13.71 -13.80
N LEU A 172 2.82 -14.75 -13.32
CA LEU A 172 3.42 -15.66 -12.36
C LEU A 172 4.48 -16.54 -13.01
N GLU A 173 4.41 -16.67 -14.33
CA GLU A 173 5.46 -17.37 -15.06
C GLU A 173 6.63 -16.43 -15.36
N LEU A 174 6.32 -15.24 -15.88
CA LEU A 174 7.33 -14.24 -16.14
C LEU A 174 8.18 -13.93 -14.91
N GLY A 175 7.56 -13.90 -13.74
CA GLY A 175 8.27 -13.60 -12.50
C GLY A 175 8.45 -14.81 -11.61
N ASN A 176 8.52 -16.01 -12.21
CA ASN A 176 8.57 -17.28 -11.46
C ASN A 176 9.70 -17.28 -10.43
N GLU A 177 10.79 -16.57 -10.74
CA GLU A 177 11.98 -16.56 -9.89
C GLU A 177 11.73 -15.86 -8.56
N THR A 178 10.91 -14.81 -8.58
CA THR A 178 10.80 -13.90 -7.44
C THR A 178 9.38 -13.88 -6.84
N LEU A 179 8.38 -14.17 -7.66
CA LEU A 179 7.00 -14.11 -7.22
C LEU A 179 6.57 -15.33 -6.42
N LEU A 180 7.17 -16.48 -6.72
CA LEU A 180 6.76 -17.71 -6.07
C LEU A 180 7.56 -17.97 -4.79
N ARG A 181 8.38 -17.01 -4.39
CA ARG A 181 9.22 -17.18 -3.22
C ARG A 181 8.44 -16.99 -1.92
N THR A 182 8.98 -17.54 -0.83
CA THR A 182 8.50 -17.24 0.49
C THR A 182 9.72 -16.98 1.37
N ASP A 183 9.86 -15.75 1.85
CA ASP A 183 10.97 -15.40 2.73
C ASP A 183 10.48 -15.37 4.17
N SER A 184 10.97 -16.31 4.97
CA SER A 184 10.52 -16.37 6.35
C SER A 184 11.14 -15.20 7.12
N PRO A 185 10.41 -14.70 8.12
CA PRO A 185 10.93 -13.60 8.94
C PRO A 185 12.15 -14.01 9.75
N LYS A 186 13.10 -13.10 9.86
CA LYS A 186 14.14 -13.21 10.85
C LYS A 186 13.70 -12.37 12.04
N ALA A 187 13.48 -13.02 13.17
CA ALA A 187 12.85 -12.35 14.28
C ALA A 187 13.71 -12.41 15.54
N HIS A 188 13.57 -11.38 16.38
CA HIS A 188 14.29 -11.28 17.65
C HIS A 188 13.63 -10.27 18.58
N VAL A 189 13.91 -10.40 19.87
CA VAL A 189 13.47 -9.43 20.88
C VAL A 189 14.62 -8.53 21.33
N THR A 190 14.35 -7.23 21.36
CA THR A 190 15.32 -6.25 21.81
C THR A 190 14.86 -5.58 23.07
N TYR A 191 15.76 -5.46 24.04
CA TYR A 191 15.52 -4.83 25.33
C TYR A 191 15.81 -3.33 25.26
N HIS A 192 14.91 -2.43 25.68
CA HIS A 192 15.49 -1.14 26.07
C HIS A 192 14.91 -0.71 27.42
N PRO A 193 15.76 -0.05 28.22
CA PRO A 193 15.42 0.59 29.48
C PRO A 193 14.31 1.61 29.25
N ARG A 194 13.39 1.69 30.20
CA ARG A 194 12.39 2.73 30.19
C ARG A 194 12.43 3.47 31.52
N SER A 195 11.39 3.26 32.31
CA SER A 195 11.18 3.73 33.67
C SER A 195 12.31 3.42 34.66
N GLN A 196 11.93 3.20 35.91
CA GLN A 196 12.84 2.65 36.93
C GLN A 196 12.15 1.43 37.52
N VAL A 197 10.88 1.27 37.12
CA VAL A 197 10.03 0.15 37.51
C VAL A 197 9.73 -0.72 36.28
N ASP A 198 9.66 -0.09 35.11
CA ASP A 198 9.34 -0.79 33.85
C ASP A 198 10.47 -0.81 32.81
N VAL A 199 10.24 -1.55 31.73
CA VAL A 199 11.19 -1.67 30.62
C VAL A 199 10.46 -2.00 29.30
N THR A 200 11.04 -1.61 28.16
CA THR A 200 10.44 -1.90 26.84
C THR A 200 11.08 -3.10 26.15
N LEU A 201 10.25 -4.09 25.79
CA LEU A 201 10.70 -5.21 24.98
C LEU A 201 10.11 -5.07 23.59
N ARG A 202 10.97 -5.00 22.58
CA ARG A 202 10.46 -4.84 21.22
C ARG A 202 10.73 -6.09 20.39
N CYS A 203 9.66 -6.70 19.91
CA CYS A 203 9.78 -7.89 19.08
C CYS A 203 9.83 -7.48 17.60
N TRP A 204 10.95 -7.81 16.96
CA TRP A 204 11.20 -7.47 15.56
C TRP A 204 10.99 -8.64 14.62
N ALA A 205 10.36 -8.38 13.48
CA ALA A 205 10.31 -9.35 12.39
C ALA A 205 10.83 -8.68 11.14
N LEU A 206 11.85 -9.27 10.49
CA LEU A 206 12.54 -8.59 9.40
C LEU A 206 12.70 -9.48 8.17
N GLY A 207 12.79 -8.85 7.00
CA GLY A 207 13.10 -9.52 5.76
C GLY A 207 12.12 -10.58 5.26
N PHE A 208 10.83 -10.40 5.51
CA PHE A 208 9.86 -11.43 5.16
C PHE A 208 9.02 -11.09 3.92
N TYR A 209 8.55 -12.14 3.25
CA TYR A 209 7.67 -12.04 2.09
C TYR A 209 6.85 -13.32 2.02
N PRO A 210 5.51 -13.21 1.83
CA PRO A 210 4.66 -12.03 1.63
C PRO A 210 4.53 -11.14 2.85
N ALA A 211 3.80 -10.03 2.72
CA ALA A 211 3.71 -9.05 3.79
C ALA A 211 2.88 -9.50 4.99
N ASP A 212 1.93 -10.40 4.75
CA ASP A 212 1.04 -10.88 5.80
C ASP A 212 1.81 -11.55 6.95
N ILE A 213 1.64 -11.04 8.16
CA ILE A 213 2.36 -11.59 9.32
C ILE A 213 1.58 -11.30 10.60
N THR A 214 1.73 -12.16 11.60
CA THR A 214 1.12 -11.91 12.88
C THR A 214 2.17 -11.91 14.00
N LEU A 215 2.25 -10.79 14.72
CA LEU A 215 3.12 -10.67 15.90
C LEU A 215 2.26 -10.40 17.12
N THR A 216 2.39 -11.26 18.13
CA THR A 216 1.66 -11.06 19.37
C THR A 216 2.56 -11.32 20.56
N TRP A 217 2.35 -10.54 21.61
CA TRP A 217 3.00 -10.76 22.89
C TRP A 217 2.03 -11.50 23.80
N GLN A 218 2.53 -12.46 24.58
CA GLN A 218 1.69 -12.99 25.64
C GLN A 218 2.43 -13.14 26.95
N LEU A 219 1.66 -12.99 28.02
CA LEU A 219 2.15 -13.03 29.38
C LEU A 219 1.70 -14.35 30.01
N ASN A 220 2.65 -15.25 30.19
CA ASN A 220 2.39 -16.57 30.75
C ASN A 220 1.18 -17.29 30.15
N GLY A 221 1.08 -17.31 28.82
CA GLY A 221 0.17 -18.21 28.15
C GLY A 221 -1.09 -17.66 27.49
N GLU A 222 -1.59 -16.54 28.02
CA GLU A 222 -2.82 -15.94 27.47
C GLU A 222 -2.53 -14.82 26.43
N ASP A 223 -2.90 -13.58 26.69
CA ASP A 223 -2.63 -12.57 25.65
C ASP A 223 -2.57 -11.11 26.12
N LEU A 224 -1.83 -10.31 25.35
CA LEU A 224 -1.60 -8.88 25.56
C LEU A 224 -1.74 -8.11 24.24
N THR A 225 -2.54 -7.04 24.23
CA THR A 225 -2.62 -6.18 23.03
C THR A 225 -3.23 -4.80 23.33
N GLN A 226 -4.04 -4.68 24.38
CA GLN A 226 -4.73 -3.40 24.59
C GLN A 226 -3.76 -2.19 24.82
N ASP A 227 -2.52 -2.45 25.27
CA ASP A 227 -1.49 -1.37 25.26
C ASP A 227 -0.19 -1.74 24.53
N MET A 228 -0.04 -3.00 24.13
CA MET A 228 1.05 -3.39 23.21
C MET A 228 1.06 -2.52 21.93
N GLU A 229 2.20 -1.91 21.65
CA GLU A 229 2.28 -1.06 20.46
C GLU A 229 2.64 -1.88 19.22
N LEU A 230 1.84 -1.71 18.17
CA LEU A 230 2.02 -2.51 16.97
C LEU A 230 2.05 -1.62 15.71
N VAL A 231 3.23 -1.45 15.13
CA VAL A 231 3.35 -0.60 13.95
C VAL A 231 2.84 -1.28 12.68
N GLU A 232 2.46 -0.48 11.68
CA GLU A 232 2.06 -1.07 10.42
C GLU A 232 3.25 -1.74 9.75
N THR A 233 2.98 -2.90 9.13
CA THR A 233 3.95 -3.55 8.26
C THR A 233 4.49 -2.61 7.19
N ARG A 234 5.81 -2.59 7.03
CA ARG A 234 6.46 -1.60 6.19
C ARG A 234 7.42 -2.25 5.19
N PRO A 235 7.57 -1.66 4.01
CA PRO A 235 8.49 -2.21 3.02
C PRO A 235 9.94 -1.89 3.37
N ALA A 236 10.83 -2.85 3.22
CA ALA A 236 12.26 -2.60 3.39
C ALA A 236 12.82 -1.84 2.19
N GLY A 237 12.19 -2.04 1.04
CA GLY A 237 12.65 -1.42 -0.19
C GLY A 237 13.32 -2.39 -1.14
N ASP A 238 13.56 -3.61 -0.66
CA ASP A 238 14.21 -4.63 -1.47
C ASP A 238 13.26 -5.79 -1.78
N GLY A 239 11.96 -5.55 -1.65
CA GLY A 239 10.98 -6.59 -1.90
C GLY A 239 10.59 -7.38 -0.66
N THR A 240 11.20 -7.08 0.49
CA THR A 240 10.77 -7.70 1.74
C THR A 240 10.10 -6.70 2.68
N PHE A 241 9.56 -7.21 3.78
CA PHE A 241 8.85 -6.37 4.72
C PHE A 241 9.36 -6.51 6.15
N GLN A 242 8.93 -5.57 7.00
CA GLN A 242 9.38 -5.45 8.37
C GLN A 242 8.20 -5.09 9.26
N LYS A 243 8.24 -5.53 10.50
CA LYS A 243 7.21 -5.15 11.46
C LYS A 243 7.76 -5.31 12.86
N TRP A 244 7.27 -4.50 13.80
CA TRP A 244 7.58 -4.75 15.19
C TRP A 244 6.40 -4.53 16.10
N ALA A 245 6.50 -5.13 17.28
CA ALA A 245 5.48 -5.06 18.32
C ALA A 245 6.19 -4.92 19.65
N ALA A 246 5.77 -3.97 20.49
CA ALA A 246 6.45 -3.73 21.75
C ALA A 246 5.49 -3.75 22.94
N VAL A 247 6.00 -4.24 24.07
CA VAL A 247 5.24 -4.22 25.33
C VAL A 247 6.05 -3.56 26.44
N VAL A 248 5.35 -2.88 27.34
CA VAL A 248 6.00 -2.38 28.54
C VAL A 248 5.86 -3.47 29.61
N VAL A 249 7.01 -3.85 30.16
CA VAL A 249 7.04 -4.89 31.17
C VAL A 249 7.88 -4.40 32.34
N PRO A 250 7.38 -4.60 33.57
CA PRO A 250 8.16 -4.19 34.75
C PRO A 250 9.45 -5.03 34.87
N LEU A 251 10.43 -4.54 35.62
CA LEU A 251 11.78 -5.10 35.55
C LEU A 251 11.87 -6.45 36.25
N GLY A 252 12.73 -7.32 35.72
CA GLY A 252 13.06 -8.58 36.36
C GLY A 252 12.20 -9.73 35.86
N LYS A 253 11.08 -9.38 35.23
CA LYS A 253 10.08 -10.36 34.82
C LYS A 253 10.02 -10.41 33.30
N GLU A 254 11.10 -10.00 32.64
CA GLU A 254 11.18 -10.08 31.19
C GLU A 254 10.97 -11.51 30.67
N GLN A 255 11.44 -12.49 31.44
CA GLN A 255 11.43 -13.92 31.08
C GLN A 255 10.02 -14.49 30.91
N ASN A 256 9.11 -13.82 31.60
CA ASN A 256 7.68 -14.04 31.66
C ASN A 256 6.92 -13.76 30.37
N TYR A 257 7.50 -12.91 29.54
CA TYR A 257 6.86 -12.47 28.28
C TYR A 257 7.45 -13.15 27.05
N THR A 258 6.59 -13.65 26.17
CA THR A 258 7.03 -14.26 24.92
C THR A 258 6.38 -13.58 23.72
N CYS A 259 7.17 -13.41 22.66
CA CYS A 259 6.67 -12.92 21.39
C CYS A 259 6.44 -14.09 20.46
N HIS A 260 5.29 -14.10 19.79
CA HIS A 260 4.96 -15.19 18.89
C HIS A 260 4.78 -14.68 17.46
N VAL A 261 5.42 -15.36 16.52
CA VAL A 261 5.46 -14.92 15.14
C VAL A 261 4.84 -15.97 14.23
N HIS A 262 3.82 -15.56 13.49
CA HIS A 262 3.15 -16.43 12.52
C HIS A 262 3.36 -15.90 11.10
N HIS A 263 3.82 -16.77 10.21
CA HIS A 263 4.09 -16.38 8.84
C HIS A 263 4.08 -17.61 7.95
N LYS A 264 3.70 -17.43 6.69
CA LYS A 264 3.64 -18.51 5.73
C LYS A 264 4.94 -19.32 5.64
N GLY A 265 6.08 -18.65 5.76
CA GLY A 265 7.37 -19.32 5.68
C GLY A 265 7.82 -19.95 6.97
N LEU A 266 6.92 -20.07 7.94
CA LEU A 266 7.24 -20.70 9.21
C LEU A 266 6.36 -21.91 9.48
N PRO A 267 6.86 -23.12 9.14
CA PRO A 267 6.20 -24.41 9.41
C PRO A 267 5.52 -24.42 10.77
N GLU A 268 6.28 -24.11 11.82
CA GLU A 268 5.68 -23.81 13.11
C GLU A 268 6.04 -22.38 13.50
N PRO A 269 5.12 -21.70 14.20
CA PRO A 269 5.35 -20.33 14.66
C PRO A 269 6.61 -20.22 15.52
N LEU A 270 7.15 -19.01 15.63
CA LEU A 270 8.27 -18.79 16.53
C LEU A 270 7.78 -18.32 17.90
N THR A 271 8.41 -18.83 18.95
CA THR A 271 8.24 -18.28 20.29
C THR A 271 9.58 -17.65 20.66
N LEU A 272 9.57 -16.36 20.96
CA LEU A 272 10.82 -15.64 21.26
C LEU A 272 10.80 -14.99 22.63
N ARG A 273 11.98 -14.91 23.24
CA ARG A 273 12.17 -14.21 24.51
C ARG A 273 13.33 -13.24 24.37
N TRP A 274 13.43 -12.28 25.27
CA TRP A 274 14.63 -11.43 25.29
C TRP A 274 15.87 -12.29 25.56
N ILE B 1 -13.59 11.85 6.58
CA ILE B 1 -13.13 12.61 5.42
C ILE B 1 -11.62 12.81 5.52
N GLN B 2 -11.02 12.96 6.71
CA GLN B 2 -9.55 13.09 6.75
C GLN B 2 -8.83 12.09 7.64
N ARG B 3 -7.74 11.55 7.10
CA ARG B 3 -6.91 10.60 7.84
C ARG B 3 -5.48 11.10 7.96
N THR B 4 -4.96 11.11 9.19
CA THR B 4 -3.60 11.57 9.44
C THR B 4 -2.58 10.49 9.11
N PRO B 5 -1.46 10.87 8.48
CA PRO B 5 -0.45 9.86 8.17
C PRO B 5 0.25 9.25 9.38
N LYS B 6 0.53 7.95 9.28
CA LYS B 6 1.43 7.25 10.18
C LYS B 6 2.80 7.33 9.55
N ILE B 7 3.80 7.72 10.32
CA ILE B 7 5.13 7.98 9.77
C ILE B 7 6.15 7.05 10.42
N GLN B 8 6.94 6.37 9.60
CA GLN B 8 8.05 5.54 10.12
C GLN B 8 9.34 5.84 9.37
N VAL B 9 10.42 6.11 10.11
CA VAL B 9 11.73 6.37 9.52
C VAL B 9 12.68 5.27 9.95
N TYR B 10 13.36 4.66 8.98
CA TYR B 10 14.12 3.44 9.25
C TYR B 10 15.06 3.12 8.10
N SER B 11 16.04 2.27 8.34
CA SER B 11 16.95 1.87 7.28
C SER B 11 16.49 0.56 6.66
N ARG B 12 16.86 0.35 5.40
CA ARG B 12 16.55 -0.88 4.67
C ARG B 12 17.20 -2.09 5.32
N HIS B 13 18.49 -1.98 5.61
CA HIS B 13 19.24 -3.04 6.29
C HIS B 13 19.63 -2.56 7.67
N PRO B 14 19.94 -3.50 8.58
CA PRO B 14 20.50 -3.06 9.87
C PRO B 14 21.72 -2.17 9.62
N ALA B 15 21.81 -1.06 10.33
CA ALA B 15 22.73 0.00 9.99
C ALA B 15 24.13 -0.22 10.60
N GLU B 16 25.13 -0.31 9.73
CA GLU B 16 26.52 -0.34 10.19
C GLU B 16 27.28 0.86 9.65
N ASN B 17 27.94 1.59 10.55
CA ASN B 17 28.71 2.76 10.16
C ASN B 17 29.74 2.48 9.07
N GLY B 18 29.71 3.30 8.02
CA GLY B 18 30.64 3.17 6.92
C GLY B 18 30.16 2.27 5.81
N LYS B 19 29.03 1.59 6.04
CA LYS B 19 28.49 0.69 5.04
C LYS B 19 27.28 1.31 4.34
N SER B 20 27.21 1.17 3.01
CA SER B 20 26.10 1.73 2.24
C SER B 20 24.77 1.12 2.66
N ASN B 21 23.69 1.85 2.40
CA ASN B 21 22.39 1.48 2.94
C ASN B 21 21.33 2.36 2.28
N PHE B 22 20.08 2.16 2.68
CA PHE B 22 19.01 3.04 2.23
C PHE B 22 18.23 3.54 3.44
N LEU B 23 17.99 4.84 3.49
CA LEU B 23 17.17 5.43 4.53
C LEU B 23 15.75 5.57 4.00
N ASN B 24 14.78 5.07 4.76
CA ASN B 24 13.37 5.04 4.34
C ASN B 24 12.47 5.93 5.20
N CYS B 25 11.48 6.56 4.55
CA CYS B 25 10.40 7.18 5.29
C CYS B 25 9.11 6.62 4.69
N TYR B 26 8.40 5.83 5.49
CA TYR B 26 7.14 5.23 5.05
C TYR B 26 5.99 5.99 5.67
N VAL B 27 5.14 6.57 4.83
CA VAL B 27 3.99 7.32 5.29
C VAL B 27 2.74 6.57 4.84
N SER B 28 1.83 6.28 5.76
CA SER B 28 0.71 5.44 5.39
C SER B 28 -0.58 5.88 6.06
N GLY B 29 -1.69 5.37 5.55
CA GLY B 29 -2.98 5.55 6.19
C GLY B 29 -3.52 6.96 6.09
N PHE B 30 -3.10 7.70 5.08
CA PHE B 30 -3.53 9.10 5.02
C PHE B 30 -4.55 9.37 3.91
N HIS B 31 -5.32 10.42 4.14
CA HIS B 31 -6.28 10.95 3.16
C HIS B 31 -6.54 12.41 3.48
N PRO B 32 -6.52 13.30 2.47
CA PRO B 32 -6.37 13.09 1.02
C PRO B 32 -4.93 12.82 0.60
N SER B 33 -4.71 12.78 -0.71
CA SER B 33 -3.47 12.23 -1.25
C SER B 33 -2.29 13.19 -1.28
N ASP B 34 -2.55 14.50 -1.29
CA ASP B 34 -1.46 15.47 -1.30
C ASP B 34 -0.69 15.42 0.00
N ILE B 35 0.62 15.34 -0.11
CA ILE B 35 1.45 15.22 1.08
C ILE B 35 2.84 15.67 0.72
N GLU B 36 3.53 16.26 1.69
CA GLU B 36 4.90 16.71 1.51
C GLU B 36 5.80 15.82 2.35
N VAL B 37 6.76 15.15 1.73
CA VAL B 37 7.70 14.33 2.49
C VAL B 37 9.13 14.64 2.07
N ASP B 38 9.95 15.01 3.05
CA ASP B 38 11.38 15.19 2.82
C ASP B 38 12.20 14.35 3.78
N LEU B 39 13.34 13.89 3.29
CA LEU B 39 14.35 13.29 4.16
C LEU B 39 15.40 14.34 4.48
N LEU B 40 15.84 14.40 5.73
CA LEU B 40 16.76 15.43 6.17
C LEU B 40 18.05 14.82 6.67
N LYS B 41 19.16 15.48 6.34
CA LYS B 41 20.47 15.15 6.90
C LYS B 41 20.94 16.37 7.66
N ASN B 42 21.09 16.21 8.98
CA ASN B 42 21.41 17.29 9.89
C ASN B 42 20.50 18.51 9.67
N GLY B 43 19.20 18.25 9.53
CA GLY B 43 18.19 19.29 9.39
C GLY B 43 18.00 19.80 7.96
N GLU B 44 18.87 19.37 7.06
CA GLU B 44 18.84 19.89 5.68
C GLU B 44 18.23 18.90 4.68
N ARG B 45 17.31 19.41 3.87
CA ARG B 45 16.63 18.61 2.85
C ARG B 45 17.58 17.87 1.92
N ILE B 46 17.41 16.55 1.83
CA ILE B 46 18.20 15.71 0.92
C ILE B 46 17.59 15.75 -0.51
N GLU B 47 18.42 16.04 -1.51
CA GLU B 47 17.92 16.18 -2.88
C GLU B 47 17.64 14.85 -3.59
N LYS B 48 18.56 13.89 -3.44
CA LYS B 48 18.43 12.67 -4.22
C LYS B 48 17.57 11.66 -3.48
N VAL B 49 16.27 11.96 -3.44
CA VAL B 49 15.30 11.12 -2.78
C VAL B 49 14.35 10.59 -3.83
N GLU B 50 14.05 9.30 -3.77
CA GLU B 50 13.07 8.73 -4.68
C GLU B 50 11.84 8.31 -3.90
N HIS B 51 10.71 8.16 -4.59
CA HIS B 51 9.50 7.70 -3.89
C HIS B 51 8.73 6.69 -4.71
N SER B 52 7.94 5.87 -4.02
CA SER B 52 7.09 4.89 -4.69
C SER B 52 5.91 5.54 -5.40
N ASP B 53 5.28 4.76 -6.27
CA ASP B 53 4.07 5.22 -6.96
C ASP B 53 2.91 5.21 -5.99
N LEU B 54 2.15 6.30 -5.96
CA LEU B 54 0.96 6.38 -5.09
C LEU B 54 0.06 5.15 -5.19
N SER B 55 -0.19 4.51 -4.05
CA SER B 55 -1.08 3.36 -4.00
C SER B 55 -1.93 3.50 -2.74
N PHE B 56 -2.85 2.56 -2.52
CA PHE B 56 -3.69 2.65 -1.33
C PHE B 56 -4.11 1.29 -0.83
N SER B 57 -4.64 1.29 0.39
CA SER B 57 -4.96 0.08 1.12
C SER B 57 -6.44 -0.28 1.02
N LYS B 58 -6.83 -1.35 1.71
CA LYS B 58 -8.20 -1.84 1.67
C LYS B 58 -9.20 -0.75 2.05
N ASP B 59 -8.82 0.10 3.01
CA ASP B 59 -9.70 1.16 3.48
C ASP B 59 -9.60 2.45 2.66
N TRP B 60 -8.96 2.33 1.50
CA TRP B 60 -8.77 3.43 0.53
C TRP B 60 -7.71 4.47 0.96
N SER B 61 -7.10 4.30 2.13
CA SER B 61 -6.11 5.27 2.58
C SER B 61 -4.81 5.07 1.84
N PHE B 62 -4.09 6.17 1.61
CA PHE B 62 -2.87 6.14 0.81
C PHE B 62 -1.59 5.75 1.56
N TYR B 63 -0.59 5.25 0.81
CA TYR B 63 0.73 5.03 1.37
C TYR B 63 1.81 5.31 0.33
N LEU B 64 2.95 5.78 0.82
CA LEU B 64 4.10 6.12 0.00
C LEU B 64 5.38 5.76 0.75
N LEU B 65 6.39 5.31 0.02
CA LEU B 65 7.73 5.11 0.59
C LEU B 65 8.68 6.09 -0.07
N TYR B 66 9.36 6.90 0.74
CA TYR B 66 10.40 7.79 0.26
C TYR B 66 11.71 7.19 0.68
N TYR B 67 12.71 7.20 -0.20
CA TYR B 67 13.97 6.55 0.16
C TYR B 67 15.19 7.20 -0.48
N THR B 68 16.32 7.08 0.20
CA THR B 68 17.54 7.65 -0.35
C THR B 68 18.74 6.77 0.03
N GLU B 69 19.71 6.68 -0.86
CA GLU B 69 20.91 5.92 -0.56
C GLU B 69 21.77 6.73 0.41
N PHE B 70 22.26 6.09 1.47
CA PHE B 70 23.09 6.79 2.44
C PHE B 70 24.10 5.84 3.07
N THR B 71 25.19 6.41 3.55
CA THR B 71 26.18 5.71 4.35
C THR B 71 26.18 6.33 5.73
N PRO B 72 25.58 5.63 6.70
CA PRO B 72 25.44 6.21 8.04
C PRO B 72 26.78 6.32 8.75
N THR B 73 26.88 7.30 9.63
CA THR B 73 28.04 7.50 10.50
C THR B 73 27.52 7.69 11.92
N GLU B 74 28.41 7.75 12.90
CA GLU B 74 27.99 7.88 14.29
C GLU B 74 27.39 9.26 14.59
N LYS B 75 27.86 10.29 13.87
CA LYS B 75 27.49 11.67 14.18
C LYS B 75 26.35 12.22 13.32
N ASP B 76 26.26 11.77 12.07
CA ASP B 76 25.23 12.27 11.17
C ASP B 76 23.83 11.93 11.68
N GLU B 77 22.96 12.94 11.71
CA GLU B 77 21.58 12.76 12.15
C GLU B 77 20.61 12.82 10.98
N TYR B 78 19.68 11.87 10.92
CA TYR B 78 18.70 11.82 9.84
C TYR B 78 17.28 11.89 10.38
N ALA B 79 16.37 12.44 9.58
CA ALA B 79 14.96 12.49 9.96
C ALA B 79 14.11 12.54 8.72
N CYS B 80 12.82 12.41 8.94
CA CYS B 80 11.81 12.60 7.92
C CYS B 80 10.91 13.76 8.32
N ARG B 81 10.65 14.66 7.38
CA ARG B 81 9.75 15.78 7.65
C ARG B 81 8.50 15.62 6.79
N VAL B 82 7.33 15.59 7.42
CA VAL B 82 6.07 15.36 6.70
C VAL B 82 5.08 16.48 6.95
N ASN B 83 4.43 16.97 5.90
CA ASN B 83 3.31 17.85 6.13
C ASN B 83 2.13 17.39 5.32
N HIS B 84 0.94 17.64 5.86
CA HIS B 84 -0.31 17.11 5.34
C HIS B 84 -1.39 18.02 5.89
N VAL B 85 -2.56 18.04 5.25
CA VAL B 85 -3.61 18.95 5.68
C VAL B 85 -4.06 18.62 7.10
N THR B 86 -3.86 17.37 7.53
CA THR B 86 -4.26 16.97 8.89
C THR B 86 -3.30 17.44 9.98
N LEU B 87 -2.10 17.90 9.60
CA LEU B 87 -1.09 18.34 10.55
C LEU B 87 -1.02 19.87 10.62
N SER B 88 -1.09 20.45 11.83
CA SER B 88 -1.05 21.90 11.95
C SER B 88 0.30 22.48 11.52
N GLN B 89 1.35 21.68 11.65
CA GLN B 89 2.67 22.10 11.23
C GLN B 89 3.44 20.86 10.82
N PRO B 90 4.57 21.04 10.09
CA PRO B 90 5.30 19.84 9.68
C PRO B 90 5.75 18.97 10.86
N LYS B 91 5.61 17.67 10.69
CA LYS B 91 6.04 16.72 11.71
C LYS B 91 7.40 16.18 11.35
N ILE B 92 8.33 16.32 12.28
CA ILE B 92 9.67 15.79 12.06
C ILE B 92 9.88 14.57 12.92
N VAL B 93 10.14 13.45 12.27
CA VAL B 93 10.44 12.20 12.99
C VAL B 93 11.90 11.82 12.79
N LYS B 94 12.65 11.70 13.88
CA LYS B 94 14.07 11.38 13.79
C LYS B 94 14.33 9.89 13.53
N TRP B 95 15.37 9.61 12.76
CA TRP B 95 15.81 8.22 12.59
C TRP B 95 16.45 7.73 13.88
N ASP B 96 15.90 6.66 14.45
CA ASP B 96 16.50 6.03 15.64
C ASP B 96 16.90 4.62 15.26
N ARG B 97 18.20 4.41 15.06
CA ARG B 97 18.78 3.10 14.82
C ARG B 97 18.17 1.86 15.51
N ASP B 98 17.19 2.03 16.42
CA ASP B 98 16.63 0.89 17.16
C ASP B 98 15.11 0.85 17.40
N MET B 99 14.42 1.96 17.21
CA MET B 99 12.99 1.99 17.48
C MET B 99 12.16 2.45 16.30
N TYR C 2 -3.51 -7.54 -16.39
CA TYR C 2 -3.95 -6.77 -17.54
C TYR C 2 -4.99 -5.72 -17.13
N TYR C 3 -4.70 -4.45 -17.38
CA TYR C 3 -5.63 -3.38 -17.09
C TYR C 3 -6.90 -3.51 -17.93
N SER C 4 -8.04 -3.21 -17.32
CA SER C 4 -9.31 -3.23 -18.04
C SER C 4 -10.13 -1.99 -17.68
N ILE C 5 -10.81 -1.43 -18.66
CA ILE C 5 -11.44 -0.12 -18.49
C ILE C 5 -12.84 -0.18 -17.89
N ILE C 6 -13.27 0.94 -17.32
CA ILE C 6 -14.70 1.13 -17.03
C ILE C 6 -15.35 1.67 -18.31
N PRO C 7 -16.65 1.36 -18.53
CA PRO C 7 -17.24 1.75 -19.82
C PRO C 7 -17.87 3.13 -19.85
N HIS C 8 -18.18 3.69 -18.68
CA HIS C 8 -18.88 4.97 -18.66
C HIS C 8 -18.77 5.59 -17.26
N SER C 9 -19.54 6.64 -17.03
CA SER C 9 -19.47 7.37 -15.76
C SER C 9 -20.33 6.71 -14.69
N ILE C 10 -20.05 7.05 -13.45
CA ILE C 10 -20.97 6.78 -12.35
C ILE C 10 -22.23 7.59 -12.58
#